data_8QS6
#
_entry.id   8QS6
#
_cell.length_a   62.390
_cell.length_b   149.455
_cell.length_c   76.526
_cell.angle_alpha   90.00
_cell.angle_beta   90.00
_cell.angle_gamma   90.00
#
_symmetry.space_group_name_H-M   'C 2 2 2'
#
loop_
_entity.id
_entity.type
_entity.pdbx_description
1 polymer '14-3-3 protein sigma'
2 polymer 'C-RAF peptide pS259'
3 non-polymer 'CHLORIDE ION'
4 non-polymer 'MAGNESIUM ION'
5 non-polymer ~{N}-[[1-(4-bromanyl-3-fluoranyl-phenyl)sulfonylpiperidin-4-yl]methyl]-2-chloranyl-ethanamide
6 water water
#
loop_
_entity_poly.entity_id
_entity_poly.type
_entity_poly.pdbx_seq_one_letter_code
_entity_poly.pdbx_strand_id
1 'polypeptide(L)'
;GAMGSMERASLIQKAKLAEQAERYEDMAAFMKGAVEKGEELSCEERNLLSVAYKNVVGGQRAAWRVLSSIEQKSNEEGSE
EKGPEVREYREKVETELQGVCDTVLGLLDSHLIKEAGDAESRVFYLKMKGDYYRYLAEVATGDDKKRIIDSARSAYQEAM
DISKKEMPPTNPIRLGLALNFSVFHYEIANSPEEAISLAKTTFDEAMADLHTLSEDSYKDSTLIMQLLRDNLTLWT
;
A
2 'polypeptide(L)' QRST(SEP)TPNVH P
#
# COMPACT_ATOMS: atom_id res chain seq x y z
N GLY A 1 0.75 -16.99 -17.66
CA GLY A 1 2.02 -16.46 -17.18
C GLY A 1 3.11 -17.51 -17.10
N ALA A 2 4.33 -17.06 -16.77
CA ALA A 2 5.49 -17.92 -16.62
C ALA A 2 5.44 -18.81 -15.39
N MET A 3 4.47 -18.59 -14.50
CA MET A 3 4.31 -19.36 -13.27
C MET A 3 3.21 -20.41 -13.39
N GLY A 4 2.61 -20.50 -14.59
CA GLY A 4 1.43 -21.33 -14.83
C GLY A 4 1.62 -22.83 -14.61
N SER A 5 2.85 -23.32 -14.81
CA SER A 5 3.10 -24.75 -14.70
C SER A 5 3.46 -25.17 -13.28
N MET A 6 3.65 -24.20 -12.39
CA MET A 6 4.07 -24.48 -11.02
C MET A 6 2.90 -24.60 -10.06
N GLU A 7 2.95 -25.63 -9.21
CA GLU A 7 1.98 -25.77 -8.14
C GLU A 7 1.90 -24.55 -7.23
N ARG A 8 0.66 -24.20 -6.88
CA ARG A 8 0.41 -23.13 -5.93
C ARG A 8 1.31 -23.19 -4.69
N ALA A 9 1.42 -24.39 -4.09
CA ALA A 9 2.16 -24.53 -2.83
C ALA A 9 3.67 -24.30 -3.05
N SER A 10 4.18 -24.71 -4.21
CA SER A 10 5.57 -24.47 -4.58
C SER A 10 5.84 -22.99 -4.80
N LEU A 11 4.85 -22.29 -5.34
CA LEU A 11 4.95 -20.86 -5.56
C LEU A 11 5.00 -20.10 -4.22
N ILE A 12 4.16 -20.51 -3.26
CA ILE A 12 4.20 -19.92 -1.93
C ILE A 12 5.54 -20.17 -1.24
N GLN A 13 6.00 -21.43 -1.32
CA GLN A 13 7.29 -21.82 -0.77
C GLN A 13 8.43 -21.02 -1.37
N LYS A 14 8.41 -20.81 -2.70
CA LYS A 14 9.45 -20.02 -3.36
C LYS A 14 9.36 -18.52 -3.05
N ALA A 15 8.16 -17.99 -2.81
CA ALA A 15 8.02 -16.59 -2.38
C ALA A 15 8.72 -16.39 -1.03
N LYS A 16 8.61 -17.39 -0.16
CA LYS A 16 9.24 -17.29 1.15
C LYS A 16 10.76 -17.37 1.06
N LEU A 17 11.28 -18.25 0.19
CA LEU A 17 12.70 -18.31 -0.10
C LEU A 17 13.22 -17.00 -0.68
N ALA A 18 12.45 -16.42 -1.60
CA ALA A 18 12.81 -15.16 -2.23
C ALA A 18 12.85 -14.03 -1.20
N GLU A 19 11.88 -14.03 -0.27
CA GLU A 19 11.88 -13.05 0.80
C GLU A 19 13.17 -13.18 1.62
N GLN A 20 13.55 -14.40 1.96
CA GLN A 20 14.75 -14.65 2.76
C GLN A 20 16.00 -14.18 2.04
N ALA A 21 16.03 -14.39 0.72
CA ALA A 21 17.13 -13.97 -0.13
C ALA A 21 17.10 -12.48 -0.53
N GLU A 22 16.07 -11.76 -0.08
CA GLU A 22 15.80 -10.37 -0.45
C GLU A 22 15.72 -10.21 -1.96
N ARG A 23 15.08 -11.19 -2.61
CA ARG A 23 14.86 -11.13 -4.04
C ARG A 23 13.40 -10.75 -4.28
N TYR A 24 13.07 -9.46 -4.15
CA TYR A 24 11.67 -9.07 -4.01
C TYR A 24 10.92 -9.10 -5.33
N GLU A 25 11.63 -8.92 -6.45
CA GLU A 25 11.02 -9.07 -7.76
C GLU A 25 10.58 -10.50 -8.01
N ASP A 26 11.46 -11.46 -7.71
CA ASP A 26 11.13 -12.87 -7.78
C ASP A 26 9.94 -13.16 -6.85
N MET A 27 10.02 -12.64 -5.62
CA MET A 27 8.96 -12.83 -4.64
C MET A 27 7.60 -12.36 -5.17
N ALA A 28 7.60 -11.17 -5.79
CA ALA A 28 6.38 -10.61 -6.35
C ALA A 28 5.87 -11.49 -7.48
N ALA A 29 6.77 -11.98 -8.35
CA ALA A 29 6.36 -12.85 -9.43
C ALA A 29 5.75 -14.16 -8.95
N PHE A 30 6.36 -14.78 -7.94
CA PHE A 30 5.84 -16.01 -7.35
C PHE A 30 4.44 -15.82 -6.76
N MET A 31 4.21 -14.70 -6.06
CA MET A 31 2.92 -14.41 -5.46
C MET A 31 1.86 -14.06 -6.50
N LYS A 32 2.26 -13.37 -7.58
CA LYS A 32 1.36 -13.12 -8.70
C LYS A 32 0.89 -14.46 -9.26
N GLY A 33 1.82 -15.41 -9.43
CA GLY A 33 1.46 -16.74 -9.90
C GLY A 33 0.52 -17.47 -8.95
N ALA A 34 0.77 -17.37 -7.64
CA ALA A 34 -0.10 -17.99 -6.65
C ALA A 34 -1.51 -17.38 -6.75
N VAL A 35 -1.59 -16.05 -6.85
CA VAL A 35 -2.89 -15.39 -6.94
C VAL A 35 -3.66 -15.90 -8.17
N GLU A 36 -2.94 -16.09 -9.28
CA GLU A 36 -3.56 -16.46 -10.53
C GLU A 36 -4.12 -17.89 -10.55
N LYS A 37 -3.84 -18.67 -9.50
CA LYS A 37 -4.47 -19.98 -9.33
C LYS A 37 -5.95 -19.81 -8.98
N GLY A 38 -6.31 -18.61 -8.53
CA GLY A 38 -7.71 -18.24 -8.33
C GLY A 38 -8.31 -18.72 -7.02
N GLU A 39 -7.45 -19.10 -6.05
CA GLU A 39 -7.92 -19.41 -4.71
C GLU A 39 -7.68 -18.19 -3.83
N GLU A 40 -8.45 -18.08 -2.76
CA GLU A 40 -8.24 -17.00 -1.80
C GLU A 40 -6.88 -17.12 -1.12
N LEU A 41 -6.34 -15.99 -0.68
CA LEU A 41 -5.09 -15.94 0.04
C LEU A 41 -5.36 -15.90 1.54
N SER A 42 -4.56 -16.66 2.31
CA SER A 42 -4.55 -16.53 3.76
C SER A 42 -3.92 -15.20 4.20
N CYS A 43 -4.03 -14.91 5.50
CA CYS A 43 -3.29 -13.80 6.10
C CYS A 43 -1.80 -13.85 5.79
N GLU A 44 -1.19 -15.01 6.01
CA GLU A 44 0.25 -15.14 5.80
C GLU A 44 0.59 -14.86 4.33
N GLU A 45 -0.28 -15.32 3.42
CA GLU A 45 -0.05 -15.13 1.99
C GLU A 45 -0.28 -13.69 1.55
N ARG A 46 -1.28 -13.02 2.13
CA ARG A 46 -1.50 -11.60 1.87
C ARG A 46 -0.29 -10.77 2.28
N ASN A 47 0.34 -11.14 3.39
CA ASN A 47 1.53 -10.46 3.84
C ASN A 47 2.69 -10.61 2.85
N LEU A 48 2.87 -11.83 2.34
CA LEU A 48 3.89 -12.11 1.32
C LEU A 48 3.67 -11.23 0.09
N LEU A 49 2.43 -11.19 -0.40
CA LEU A 49 2.07 -10.39 -1.55
C LEU A 49 2.39 -8.92 -1.30
N SER A 50 1.91 -8.42 -0.14
CA SER A 50 2.11 -7.04 0.26
C SER A 50 3.58 -6.66 0.32
N VAL A 51 4.36 -7.45 1.06
CA VAL A 51 5.79 -7.20 1.26
C VAL A 51 6.55 -7.19 -0.07
N ALA A 52 6.25 -8.18 -0.93
CA ALA A 52 6.93 -8.32 -2.22
C ALA A 52 6.74 -7.07 -3.07
N TYR A 53 5.48 -6.72 -3.34
CA TYR A 53 5.21 -5.60 -4.22
C TYR A 53 5.54 -4.23 -3.62
N LYS A 54 5.41 -4.08 -2.31
CA LYS A 54 5.80 -2.82 -1.68
C LYS A 54 7.30 -2.54 -1.77
N ASN A 55 8.10 -3.60 -1.63
CA ASN A 55 9.54 -3.52 -1.81
C ASN A 55 9.89 -3.12 -3.25
N VAL A 56 9.24 -3.76 -4.23
CA VAL A 56 9.50 -3.45 -5.61
C VAL A 56 9.16 -1.99 -5.90
N VAL A 57 7.92 -1.59 -5.61
CA VAL A 57 7.44 -0.25 -5.93
C VAL A 57 8.17 0.78 -5.08
N GLY A 58 8.48 0.43 -3.82
CA GLY A 58 9.23 1.32 -2.93
C GLY A 58 10.58 1.75 -3.50
N GLY A 59 11.30 0.78 -4.09
CA GLY A 59 12.57 1.04 -4.74
C GLY A 59 12.39 1.95 -5.95
N GLN A 60 11.30 1.76 -6.69
CA GLN A 60 11.02 2.59 -7.86
C GLN A 60 10.65 4.01 -7.46
N ARG A 61 9.82 4.15 -6.41
CA ARG A 61 9.45 5.46 -5.89
C ARG A 61 10.67 6.24 -5.41
N ALA A 62 11.55 5.57 -4.65
CA ALA A 62 12.74 6.23 -4.14
C ALA A 62 13.66 6.70 -5.28
N ALA A 63 13.83 5.85 -6.31
CA ALA A 63 14.58 6.24 -7.49
C ALA A 63 13.93 7.42 -8.19
N TRP A 64 12.60 7.35 -8.37
CA TRP A 64 11.86 8.40 -9.04
C TRP A 64 12.01 9.74 -8.33
N ARG A 65 11.91 9.73 -6.99
CA ARG A 65 12.11 10.94 -6.20
C ARG A 65 13.49 11.55 -6.38
N VAL A 66 14.53 10.70 -6.47
CA VAL A 66 15.89 11.16 -6.66
C VAL A 66 16.02 11.88 -8.01
N LEU A 67 15.48 11.25 -9.07
CA LEU A 67 15.61 11.76 -10.41
C LEU A 67 14.78 13.03 -10.58
N SER A 68 13.56 13.00 -10.00
CA SER A 68 12.67 14.15 -10.04
C SER A 68 13.28 15.38 -9.37
N SER A 69 13.98 15.16 -8.25
CA SER A 69 14.65 16.25 -7.56
C SER A 69 15.80 16.83 -8.39
N ILE A 70 16.60 15.95 -9.02
CA ILE A 70 17.66 16.38 -9.91
C ILE A 70 17.08 17.18 -11.07
N GLU A 71 15.95 16.71 -11.59
CA GLU A 71 15.28 17.32 -12.74
C GLU A 71 14.80 18.72 -12.41
N GLN A 72 14.09 18.84 -11.27
CA GLN A 72 13.57 20.12 -10.79
C GLN A 72 14.71 21.13 -10.55
N LYS A 73 15.83 20.66 -9.98
CA LYS A 73 17.00 21.52 -9.75
C LYS A 73 17.62 22.03 -11.04
N SER A 74 17.61 21.21 -12.09
CA SER A 74 18.19 21.60 -13.37
C SER A 74 17.23 22.43 -14.23
N ASN A 75 16.08 22.81 -13.67
CA ASN A 75 15.14 23.72 -14.31
C ASN A 75 14.99 25.00 -13.50
N GLU A 76 16.13 25.57 -13.09
CA GLU A 76 16.16 26.78 -12.27
C GLU A 76 17.10 27.81 -12.87
N GLY A 83 19.99 19.67 -21.44
CA GLY A 83 20.02 18.35 -22.04
C GLY A 83 18.82 17.48 -21.63
N PRO A 84 18.33 16.56 -22.51
CA PRO A 84 17.13 15.79 -22.20
C PRO A 84 17.32 14.59 -21.28
N GLU A 85 18.56 14.25 -20.91
CA GLU A 85 18.85 12.97 -20.27
C GLU A 85 18.21 12.74 -18.91
N VAL A 86 18.17 13.76 -18.04
CA VAL A 86 17.50 13.60 -16.75
C VAL A 86 16.01 13.28 -16.90
N ARG A 87 15.31 14.06 -17.73
CA ARG A 87 13.89 13.84 -18.00
C ARG A 87 13.67 12.44 -18.59
N GLU A 88 14.49 12.06 -19.58
CA GLU A 88 14.34 10.77 -20.23
C GLU A 88 14.47 9.63 -19.23
N TYR A 89 15.46 9.70 -18.33
CA TYR A 89 15.65 8.61 -17.41
C TYR A 89 14.54 8.58 -16.35
N ARG A 90 14.13 9.77 -15.88
CA ARG A 90 12.99 9.87 -14.98
C ARG A 90 11.73 9.25 -15.58
N GLU A 91 11.44 9.55 -16.86
CA GLU A 91 10.32 8.96 -17.56
C GLU A 91 10.40 7.44 -17.67
N LYS A 92 11.63 6.91 -17.87
CA LYS A 92 11.86 5.47 -17.92
C LYS A 92 11.53 4.78 -16.60
N VAL A 93 12.01 5.35 -15.49
CA VAL A 93 11.72 4.82 -14.17
C VAL A 93 10.22 4.96 -13.88
N GLU A 94 9.64 6.11 -14.25
CA GLU A 94 8.22 6.36 -14.06
C GLU A 94 7.34 5.33 -14.77
N THR A 95 7.67 5.03 -16.02
CA THR A 95 6.94 4.05 -16.80
C THR A 95 6.95 2.67 -16.16
N GLU A 96 8.12 2.26 -15.64
CA GLU A 96 8.27 1.00 -14.94
C GLU A 96 7.45 0.95 -13.67
N LEU A 97 7.47 2.05 -12.91
CA LEU A 97 6.69 2.18 -11.68
C LEU A 97 5.20 2.02 -11.99
N GLN A 98 4.73 2.71 -13.03
CA GLN A 98 3.35 2.64 -13.45
C GLN A 98 2.96 1.23 -13.86
N GLY A 99 3.87 0.53 -14.56
CA GLY A 99 3.66 -0.87 -14.93
C GLY A 99 3.46 -1.79 -13.73
N VAL A 100 4.24 -1.58 -12.67
CA VAL A 100 4.11 -2.37 -11.46
C VAL A 100 2.78 -2.06 -10.78
N CYS A 101 2.40 -0.77 -10.67
CA CYS A 101 1.12 -0.40 -10.08
C CYS A 101 -0.05 -0.98 -10.86
N ASP A 102 0.02 -0.93 -12.19
CA ASP A 102 -1.02 -1.49 -13.05
C ASP A 102 -1.15 -3.00 -12.87
N THR A 103 -0.02 -3.69 -12.69
CA THR A 103 0.00 -5.12 -12.42
C THR A 103 -0.72 -5.46 -11.12
N VAL A 104 -0.44 -4.69 -10.06
CA VAL A 104 -1.04 -4.92 -8.76
C VAL A 104 -2.54 -4.61 -8.82
N LEU A 105 -2.90 -3.49 -9.45
CA LEU A 105 -4.30 -3.10 -9.54
C LEU A 105 -5.08 -4.10 -10.39
N GLY A 106 -4.43 -4.66 -11.41
CA GLY A 106 -5.03 -5.72 -12.22
C GLY A 106 -5.32 -7.01 -11.44
N LEU A 107 -4.37 -7.42 -10.59
CA LEU A 107 -4.54 -8.59 -9.74
C LEU A 107 -5.69 -8.38 -8.76
N LEU A 108 -5.75 -7.18 -8.18
CA LEU A 108 -6.78 -6.85 -7.22
C LEU A 108 -8.15 -6.93 -7.89
N ASP A 109 -8.26 -6.31 -9.07
CA ASP A 109 -9.52 -6.29 -9.81
C ASP A 109 -9.92 -7.62 -10.43
N SER A 110 -8.95 -8.37 -10.96
CA SER A 110 -9.24 -9.63 -11.62
C SER A 110 -9.47 -10.78 -10.64
N HIS A 111 -8.77 -10.77 -9.50
CA HIS A 111 -8.66 -11.97 -8.68
C HIS A 111 -9.06 -11.76 -7.21
N LEU A 112 -8.65 -10.65 -6.60
CA LEU A 112 -8.58 -10.60 -5.14
C LEU A 112 -9.76 -9.91 -4.45
N ILE A 113 -10.20 -8.78 -5.00
CA ILE A 113 -11.31 -8.03 -4.44
C ILE A 113 -12.62 -8.77 -4.78
N LYS A 114 -13.37 -9.11 -3.73
CA LYS A 114 -14.67 -9.77 -3.91
C LYS A 114 -15.71 -9.13 -3.01
N GLU A 115 -16.98 -9.49 -3.24
CA GLU A 115 -18.07 -9.15 -2.33
C GLU A 115 -18.03 -9.99 -1.04
N ALA A 116 -17.60 -11.26 -1.18
CA ALA A 116 -17.55 -12.19 -0.06
C ALA A 116 -16.20 -12.20 0.66
N GLY A 117 -16.08 -13.08 1.67
CA GLY A 117 -14.84 -13.26 2.41
C GLY A 117 -14.80 -12.48 3.71
N ASP A 118 -13.74 -12.72 4.50
CA ASP A 118 -13.37 -11.89 5.64
C ASP A 118 -13.61 -10.40 5.44
N ALA A 119 -14.04 -9.71 6.49
CA ALA A 119 -13.93 -8.27 6.57
C ALA A 119 -12.47 -7.84 6.41
N GLU A 120 -11.58 -8.55 7.12
CA GLU A 120 -10.16 -8.29 7.06
C GLU A 120 -9.66 -8.29 5.62
N SER A 121 -10.00 -9.37 4.89
CA SER A 121 -9.47 -9.55 3.55
C SER A 121 -10.01 -8.44 2.66
N ARG A 122 -11.32 -8.15 2.74
CA ARG A 122 -11.92 -7.12 1.89
C ARG A 122 -11.32 -5.74 2.17
N VAL A 123 -11.16 -5.39 3.45
CA VAL A 123 -10.50 -4.15 3.83
C VAL A 123 -9.05 -4.11 3.32
N PHE A 124 -8.34 -5.21 3.50
CA PHE A 124 -6.94 -5.23 3.13
C PHE A 124 -6.75 -4.97 1.63
N TYR A 125 -7.57 -5.62 0.80
CA TYR A 125 -7.42 -5.45 -0.64
C TYR A 125 -7.86 -4.08 -1.11
N LEU A 126 -8.88 -3.49 -0.48
CA LEU A 126 -9.27 -2.13 -0.84
C LEU A 126 -8.24 -1.09 -0.39
N LYS A 127 -7.60 -1.32 0.77
CA LYS A 127 -6.47 -0.51 1.19
C LYS A 127 -5.33 -0.61 0.17
N MET A 128 -5.06 -1.81 -0.32
CA MET A 128 -3.99 -2.02 -1.28
C MET A 128 -4.32 -1.28 -2.57
N LYS A 129 -5.60 -1.31 -2.97
CA LYS A 129 -6.02 -0.58 -4.15
C LYS A 129 -5.81 0.92 -3.98
N GLY A 130 -6.23 1.46 -2.83
CA GLY A 130 -5.98 2.85 -2.49
C GLY A 130 -4.50 3.22 -2.58
N ASP A 131 -3.66 2.39 -1.97
CA ASP A 131 -2.21 2.58 -1.96
C ASP A 131 -1.59 2.66 -3.37
N TYR A 132 -1.89 1.68 -4.23
CA TYR A 132 -1.28 1.64 -5.55
C TYR A 132 -1.83 2.69 -6.50
N TYR A 133 -3.08 3.14 -6.31
CA TYR A 133 -3.55 4.36 -6.95
C TYR A 133 -2.84 5.62 -6.47
N ARG A 134 -2.55 5.67 -5.15
CA ARG A 134 -1.81 6.78 -4.58
C ARG A 134 -0.39 6.84 -5.17
N TYR A 135 0.24 5.68 -5.37
CA TYR A 135 1.57 5.65 -5.96
C TYR A 135 1.51 6.14 -7.41
N LEU A 136 0.44 5.82 -8.13
CA LEU A 136 0.24 6.38 -9.46
C LEU A 136 0.04 7.89 -9.39
N ALA A 137 -0.68 8.36 -8.37
CA ALA A 137 -0.99 9.77 -8.23
C ALA A 137 0.26 10.61 -7.95
N GLU A 138 1.24 10.03 -7.24
CA GLU A 138 2.51 10.71 -6.98
C GLU A 138 3.25 11.14 -8.25
N VAL A 139 3.12 10.36 -9.33
CA VAL A 139 3.79 10.65 -10.59
C VAL A 139 2.89 11.17 -11.70
N ALA A 140 1.59 11.33 -11.43
CA ALA A 140 0.63 11.75 -12.45
C ALA A 140 0.58 13.27 -12.62
N THR A 141 0.03 13.71 -13.76
CA THR A 141 0.02 15.12 -14.14
C THR A 141 -1.34 15.72 -14.48
N GLY A 142 -2.05 15.14 -15.45
CA GLY A 142 -3.16 15.81 -16.11
C GLY A 142 -4.56 15.24 -15.84
N ASP A 143 -5.33 15.05 -16.93
CA ASP A 143 -6.63 14.40 -16.85
C ASP A 143 -6.54 13.03 -16.19
N ASP A 144 -5.45 12.32 -16.49
CA ASP A 144 -5.18 11.02 -15.89
C ASP A 144 -5.16 11.11 -14.36
N LYS A 145 -4.67 12.23 -13.82
CA LYS A 145 -4.44 12.39 -12.39
C LYS A 145 -5.69 12.46 -11.52
N LYS A 146 -6.66 13.28 -11.93
CA LYS A 146 -7.89 13.45 -11.19
C LYS A 146 -8.68 12.14 -11.15
N ARG A 147 -8.65 11.38 -12.26
CA ARG A 147 -9.23 10.05 -12.28
C ARG A 147 -8.55 9.18 -11.22
N ILE A 148 -7.22 9.24 -11.18
CA ILE A 148 -6.43 8.42 -10.28
C ILE A 148 -6.68 8.76 -8.80
N ILE A 149 -6.69 10.06 -8.48
CA ILE A 149 -6.93 10.52 -7.12
C ILE A 149 -8.33 10.13 -6.63
N ASP A 150 -9.33 10.26 -7.50
CA ASP A 150 -10.70 9.85 -7.21
C ASP A 150 -10.80 8.34 -6.94
N SER A 151 -10.07 7.55 -7.72
CA SER A 151 -10.01 6.11 -7.55
C SER A 151 -9.35 5.71 -6.22
N ALA A 152 -8.30 6.43 -5.81
CA ALA A 152 -7.66 6.16 -4.52
C ALA A 152 -8.63 6.47 -3.38
N ARG A 153 -9.24 7.67 -3.41
CA ARG A 153 -10.13 8.10 -2.34
C ARG A 153 -11.30 7.12 -2.19
N SER A 154 -11.90 6.76 -3.33
CA SER A 154 -13.01 5.82 -3.37
C SER A 154 -12.68 4.47 -2.75
N ALA A 155 -11.52 3.91 -3.11
CA ALA A 155 -11.05 2.65 -2.55
C ALA A 155 -10.80 2.73 -1.05
N TYR A 156 -10.11 3.79 -0.62
CA TYR A 156 -9.83 4.02 0.78
C TYR A 156 -11.11 4.23 1.60
N GLN A 157 -12.02 5.06 1.06
CA GLN A 157 -13.22 5.43 1.79
C GLN A 157 -14.12 4.20 1.99
N GLU A 158 -14.22 3.34 0.97
CA GLU A 158 -14.94 2.09 1.13
C GLU A 158 -14.28 1.17 2.16
N ALA A 159 -12.94 1.07 2.13
CA ALA A 159 -12.23 0.28 3.13
C ALA A 159 -12.50 0.80 4.55
N MET A 160 -12.59 2.13 4.69
CA MET A 160 -12.80 2.77 5.98
C MET A 160 -14.16 2.42 6.56
N ASP A 161 -15.19 2.47 5.69
CA ASP A 161 -16.56 2.19 6.07
C ASP A 161 -16.70 0.77 6.64
N ILE A 162 -16.09 -0.19 5.93
CA ILE A 162 -16.10 -1.58 6.37
C ILE A 162 -15.31 -1.77 7.66
N SER A 163 -14.10 -1.19 7.74
CA SER A 163 -13.27 -1.37 8.92
C SER A 163 -13.96 -0.84 10.19
N LYS A 164 -14.61 0.32 10.08
CA LYS A 164 -15.28 0.93 11.22
C LYS A 164 -16.48 0.13 11.72
N LYS A 165 -17.13 -0.61 10.81
CA LYS A 165 -18.27 -1.44 11.17
C LYS A 165 -17.86 -2.83 11.65
N GLU A 166 -16.74 -3.37 11.14
CA GLU A 166 -16.45 -4.78 11.32
C GLU A 166 -15.19 -5.12 12.10
N MET A 167 -14.33 -4.13 12.37
CA MET A 167 -13.06 -4.41 13.03
C MET A 167 -12.91 -3.55 14.28
N PRO A 168 -12.23 -4.06 15.33
CA PRO A 168 -11.90 -3.25 16.51
C PRO A 168 -10.98 -2.12 16.11
N PRO A 169 -10.96 -1.01 16.89
CA PRO A 169 -10.16 0.17 16.60
C PRO A 169 -8.65 -0.03 16.65
N THR A 170 -8.19 -1.14 17.27
CA THR A 170 -6.78 -1.49 17.29
C THR A 170 -6.36 -2.48 16.20
N ASN A 171 -7.31 -2.94 15.39
CA ASN A 171 -6.96 -3.92 14.36
C ASN A 171 -5.87 -3.33 13.47
N PRO A 172 -4.78 -4.07 13.16
CA PRO A 172 -3.68 -3.54 12.37
C PRO A 172 -4.02 -3.12 10.93
N ILE A 173 -4.91 -3.85 10.28
CA ILE A 173 -5.41 -3.46 8.96
C ILE A 173 -6.18 -2.16 9.04
N ARG A 174 -7.08 -2.06 10.04
CA ARG A 174 -7.84 -0.84 10.25
C ARG A 174 -6.90 0.33 10.50
N LEU A 175 -5.89 0.13 11.37
CA LEU A 175 -4.95 1.18 11.70
C LEU A 175 -4.06 1.55 10.52
N GLY A 176 -3.54 0.53 9.83
CA GLY A 176 -2.69 0.74 8.67
C GLY A 176 -3.41 1.48 7.55
N LEU A 177 -4.67 1.10 7.30
CA LEU A 177 -5.52 1.79 6.36
C LEU A 177 -5.71 3.26 6.72
N ALA A 178 -6.06 3.54 7.98
CA ALA A 178 -6.28 4.92 8.41
C ALA A 178 -5.01 5.76 8.30
N LEU A 179 -3.86 5.19 8.69
CA LEU A 179 -2.57 5.83 8.48
C LEU A 179 -2.35 6.20 7.02
N ASN A 180 -2.52 5.24 6.11
CA ASN A 180 -2.28 5.47 4.69
C ASN A 180 -3.27 6.46 4.08
N PHE A 181 -4.54 6.40 4.52
CA PHE A 181 -5.52 7.38 4.06
C PHE A 181 -5.16 8.78 4.55
N SER A 182 -4.66 8.91 5.78
CA SER A 182 -4.27 10.22 6.28
C SER A 182 -3.11 10.77 5.45
N VAL A 183 -2.17 9.88 5.08
CA VAL A 183 -1.06 10.26 4.21
C VAL A 183 -1.60 10.74 2.87
N PHE A 184 -2.53 9.98 2.28
CA PHE A 184 -3.24 10.41 1.08
C PHE A 184 -3.77 11.84 1.22
N HIS A 185 -4.52 12.09 2.30
CA HIS A 185 -5.12 13.40 2.52
C HIS A 185 -4.07 14.50 2.55
N TYR A 186 -2.98 14.24 3.30
CA TYR A 186 -1.93 15.23 3.46
C TYR A 186 -1.12 15.45 2.19
N GLU A 187 -0.64 14.35 1.59
CA GLU A 187 0.35 14.42 0.53
C GLU A 187 -0.23 14.53 -0.88
N ILE A 188 -1.36 13.85 -1.13
CA ILE A 188 -1.94 13.76 -2.46
C ILE A 188 -3.10 14.74 -2.65
N ALA A 189 -4.05 14.72 -1.70
CA ALA A 189 -5.27 15.49 -1.81
C ALA A 189 -5.10 16.94 -1.33
N ASN A 190 -3.95 17.23 -0.73
CA ASN A 190 -3.64 18.56 -0.23
C ASN A 190 -4.69 19.03 0.79
N SER A 191 -5.05 18.13 1.72
CA SER A 191 -6.08 18.38 2.72
C SER A 191 -5.52 18.11 4.11
N PRO A 192 -4.67 19.00 4.67
CA PRO A 192 -3.95 18.71 5.90
C PRO A 192 -4.86 18.54 7.11
N GLU A 193 -5.93 19.34 7.14
CA GLU A 193 -6.92 19.30 8.21
C GLU A 193 -7.61 17.93 8.30
N GLU A 194 -7.97 17.35 7.15
CA GLU A 194 -8.58 16.03 7.10
C GLU A 194 -7.58 14.94 7.47
N ALA A 195 -6.32 15.11 7.05
CA ALA A 195 -5.26 14.20 7.43
C ALA A 195 -5.12 14.17 8.95
N ILE A 196 -5.00 15.35 9.56
CA ILE A 196 -4.81 15.49 11.00
C ILE A 196 -5.99 14.92 11.78
N SER A 197 -7.22 15.27 11.37
CA SER A 197 -8.41 14.79 12.06
C SER A 197 -8.55 13.28 12.03
N LEU A 198 -8.30 12.68 10.85
CA LEU A 198 -8.33 11.23 10.74
C LEU A 198 -7.25 10.59 11.62
N ALA A 199 -6.04 11.15 11.59
CA ALA A 199 -4.93 10.55 12.32
C ALA A 199 -5.18 10.61 13.83
N LYS A 200 -5.63 11.79 14.29
CA LYS A 200 -5.97 12.03 15.68
C LYS A 200 -7.08 11.09 16.16
N THR A 201 -8.19 11.09 15.40
CA THR A 201 -9.32 10.22 15.68
C THR A 201 -8.93 8.75 15.72
N THR A 202 -8.06 8.33 14.80
CA THR A 202 -7.65 6.94 14.73
C THR A 202 -6.83 6.57 15.97
N PHE A 203 -5.88 7.44 16.32
CA PHE A 203 -5.04 7.23 17.49
C PHE A 203 -5.88 7.21 18.78
N ASP A 204 -6.73 8.23 18.97
CA ASP A 204 -7.49 8.37 20.20
C ASP A 204 -8.47 7.22 20.43
N GLU A 205 -9.10 6.74 19.35
CA GLU A 205 -10.07 5.66 19.46
C GLU A 205 -9.39 4.31 19.70
N ALA A 206 -8.17 4.14 19.19
CA ALA A 206 -7.39 2.97 19.51
C ALA A 206 -6.98 2.94 20.98
N MET A 207 -6.53 4.11 21.49
CA MET A 207 -6.15 4.23 22.90
C MET A 207 -7.36 4.00 23.79
N ALA A 208 -8.49 4.61 23.41
CA ALA A 208 -9.72 4.47 24.18
C ALA A 208 -10.15 3.00 24.27
N ASP A 209 -9.93 2.23 23.21
CA ASP A 209 -10.26 0.81 23.22
C ASP A 209 -9.00 -0.06 23.15
N LEU A 210 -7.98 0.32 23.93
CA LEU A 210 -6.69 -0.36 23.91
C LEU A 210 -6.83 -1.84 24.29
N HIS A 211 -7.82 -2.13 25.14
CA HIS A 211 -8.11 -3.50 25.58
C HIS A 211 -8.41 -4.46 24.42
N THR A 212 -8.69 -3.95 23.21
CA THR A 212 -8.98 -4.81 22.06
C THR A 212 -7.75 -5.31 21.30
N LEU A 213 -6.55 -4.93 21.76
CA LEU A 213 -5.33 -5.45 21.18
C LEU A 213 -5.36 -6.98 21.12
N SER A 214 -4.93 -7.54 20.00
CA SER A 214 -4.90 -8.99 19.85
C SER A 214 -3.52 -9.54 20.19
N GLU A 215 -3.51 -10.68 20.89
CA GLU A 215 -2.28 -11.40 21.20
C GLU A 215 -1.37 -11.65 20.00
N ASP A 216 -1.96 -11.94 18.83
CA ASP A 216 -1.14 -12.29 17.68
C ASP A 216 -0.69 -11.09 16.84
N SER A 217 -1.16 -9.88 17.16
CA SER A 217 -0.83 -8.70 16.36
C SER A 217 -0.61 -7.37 17.09
N TYR A 218 -0.46 -7.41 18.42
CA TYR A 218 -0.43 -6.19 19.22
C TYR A 218 0.82 -5.35 18.93
N LYS A 219 1.93 -6.01 18.55
CA LYS A 219 3.15 -5.31 18.19
C LYS A 219 2.95 -4.47 16.93
N ASP A 220 2.20 -5.03 15.96
CA ASP A 220 1.85 -4.30 14.75
C ASP A 220 0.94 -3.10 15.08
N SER A 221 -0.08 -3.35 15.88
CA SER A 221 -1.00 -2.28 16.27
C SER A 221 -0.24 -1.11 16.92
N THR A 222 0.62 -1.40 17.90
CA THR A 222 1.31 -0.34 18.63
C THR A 222 2.30 0.40 17.74
N LEU A 223 2.90 -0.31 16.80
CA LEU A 223 3.79 0.31 15.82
C LEU A 223 3.02 1.34 15.02
N ILE A 224 1.85 0.98 14.46
CA ILE A 224 1.08 1.94 13.66
C ILE A 224 0.59 3.11 14.51
N MET A 225 0.21 2.86 15.78
CA MET A 225 -0.18 3.94 16.67
C MET A 225 0.93 4.97 16.85
N GLN A 226 2.17 4.50 16.99
CA GLN A 226 3.32 5.39 17.09
C GLN A 226 3.55 6.17 15.80
N LEU A 227 3.34 5.51 14.65
CA LEU A 227 3.51 6.19 13.36
C LEU A 227 2.44 7.25 13.14
N LEU A 228 1.22 7.00 13.65
CA LEU A 228 0.19 8.02 13.64
C LEU A 228 0.63 9.23 14.46
N ARG A 229 1.19 8.97 15.65
CA ARG A 229 1.70 10.02 16.52
C ARG A 229 2.87 10.79 15.89
N ASP A 230 3.74 10.08 15.13
CA ASP A 230 4.86 10.73 14.47
C ASP A 230 4.37 11.69 13.38
N ASN A 231 3.37 11.26 12.59
CA ASN A 231 2.80 12.12 11.57
C ASN A 231 2.13 13.36 12.17
N LEU A 232 1.37 13.16 13.24
CA LEU A 232 0.71 14.26 13.94
C LEU A 232 1.69 15.31 14.45
N THR A 233 2.86 14.85 14.93
CA THR A 233 3.91 15.74 15.40
C THR A 233 4.54 16.51 14.24
N LEU A 234 4.77 15.82 13.12
CA LEU A 234 5.28 16.44 11.91
C LEU A 234 4.30 17.47 11.33
N TRP A 235 3.00 17.18 11.42
CA TRP A 235 1.98 18.01 10.78
C TRP A 235 1.48 19.21 11.58
N THR A 236 1.73 19.21 12.91
CA THR A 236 1.38 20.32 13.77
C THR A 236 2.64 20.99 14.36
N GLN B 1 10.45 16.78 4.93
CA GLN B 1 10.32 15.37 5.29
C GLN B 1 8.95 14.84 4.87
N ARG B 2 8.93 13.57 4.44
CA ARG B 2 7.70 12.92 4.02
C ARG B 2 6.92 12.33 5.21
N SER B 3 5.59 12.32 5.06
CA SER B 3 4.73 11.56 5.96
C SER B 3 5.11 10.09 5.94
N THR B 4 4.95 9.41 7.08
CA THR B 4 5.24 7.98 7.16
C THR B 4 3.95 7.20 6.90
N THR B 6 2.27 3.05 6.21
CA THR B 6 2.45 1.72 6.76
C THR B 6 3.74 1.08 6.26
N PRO B 7 4.58 0.48 7.14
CA PRO B 7 5.82 -0.18 6.73
C PRO B 7 5.64 -1.66 6.41
N ASN B 8 6.69 -2.33 5.92
CA ASN B 8 6.70 -3.78 5.79
C ASN B 8 7.18 -4.53 7.04
N VAL B 9 6.40 -5.53 7.47
CA VAL B 9 6.80 -6.41 8.57
C VAL B 9 6.43 -7.87 8.33
N HIS B 10 7.24 -8.77 8.91
CA HIS B 10 7.01 -10.21 8.90
C HIS B 10 7.09 -10.78 7.48
#